data_1J05
#
_entry.id   1J05
#
_cell.length_a   61.774
_cell.length_b   75.033
_cell.length_c   63.105
_cell.angle_alpha   90.00
_cell.angle_beta   94.82
_cell.angle_gamma   90.00
#
_symmetry.space_group_name_H-M   'P 1 21 1'
#
loop_
_entity.id
_entity.type
_entity.pdbx_description
1 polymer 'anti-CEA mAb T84.66, light chain'
2 polymer 'anti-CEA mAb T84.66, heavy chain'
3 non-polymer GLYCEROL
4 non-polymer 'PHOSPHATE ION'
5 water water
#
loop_
_entity_poly.entity_id
_entity_poly.type
_entity_poly.pdbx_seq_one_letter_code
_entity_poly.pdbx_strand_id
1 'polypeptide(L)'
;DIVLTQSPASLAVSLGQRATMSCRAGESVDIFGVGFLHWYQQKPGQPPKLLIYRASNLESGIPVRFSGTGSRTDFTLIID
PVEADDVATYYCQQTNEDPYTFGGGTKLEIK
;
L,A
2 'polypeptide(L)'
;EVQLQQSGAELVEPGASVKLSCTASGFNIKDTYMHWVKQRPEQGLEWIGRIDPANGNSKYVPKFQGKATITADTSSNTAY
LQLTSLTSEDTAVYYCAPFGYYVSDYAMAYWGQGTSVTVSS
;
H,B
#
# COMPACT_ATOMS: atom_id res chain seq x y z
N ASP A 1 6.67 -24.71 -14.93
CA ASP A 1 6.46 -23.79 -13.83
C ASP A 1 7.30 -24.23 -12.64
N ILE A 2 7.48 -23.31 -11.70
CA ILE A 2 8.39 -23.59 -10.60
C ILE A 2 7.68 -24.40 -9.52
N VAL A 3 8.20 -25.63 -9.35
CA VAL A 3 7.56 -26.51 -8.38
C VAL A 3 8.06 -26.17 -6.98
N LEU A 4 7.11 -26.01 -6.05
CA LEU A 4 7.53 -25.79 -4.67
C LEU A 4 7.22 -27.01 -3.84
N THR A 5 8.16 -27.51 -3.06
CA THR A 5 7.91 -28.70 -2.26
C THR A 5 8.02 -28.40 -0.77
N GLN A 6 6.97 -28.65 0.00
CA GLN A 6 7.07 -28.39 1.42
C GLN A 6 7.20 -29.68 2.22
N SER A 7 8.00 -29.60 3.27
CA SER A 7 8.21 -30.68 4.22
C SER A 7 8.28 -30.11 5.62
N PRO A 8 7.72 -30.72 6.64
CA PRO A 8 6.99 -31.99 6.49
C PRO A 8 5.56 -31.75 6.09
N ALA A 9 4.83 -32.82 5.71
CA ALA A 9 3.43 -32.65 5.34
C ALA A 9 2.60 -32.23 6.54
N SER A 10 3.01 -32.72 7.72
CA SER A 10 2.37 -32.23 8.94
C SER A 10 3.34 -32.33 10.10
N LEU A 11 3.09 -31.46 11.06
CA LEU A 11 3.97 -31.35 12.21
C LEU A 11 3.11 -31.22 13.45
N ALA A 12 3.40 -31.94 14.52
CA ALA A 12 2.63 -31.72 15.75
C ALA A 12 3.60 -31.19 16.78
N VAL A 13 3.25 -30.06 17.40
CA VAL A 13 4.18 -29.54 18.38
C VAL A 13 3.47 -29.25 19.70
N SER A 14 4.28 -29.15 20.74
CA SER A 14 3.76 -28.67 22.00
C SER A 14 3.63 -27.15 22.05
N LEU A 15 2.62 -26.64 22.75
CA LEU A 15 2.58 -25.23 23.04
C LEU A 15 3.88 -24.72 23.64
N GLY A 16 4.40 -23.60 23.13
CA GLY A 16 5.63 -23.04 23.63
C GLY A 16 6.88 -23.59 22.96
N GLN A 17 6.79 -24.66 22.17
CA GLN A 17 7.99 -25.20 21.54
C GLN A 17 8.28 -24.48 20.21
N ARG A 18 9.41 -24.84 19.61
CA ARG A 18 9.82 -24.31 18.31
C ARG A 18 9.30 -25.15 17.16
N ALA A 19 8.72 -24.54 16.13
CA ALA A 19 8.37 -25.27 14.93
C ALA A 19 9.17 -24.68 13.75
N THR A 20 9.70 -25.51 12.88
CA THR A 20 10.37 -25.03 11.66
C THR A 20 9.93 -25.91 10.51
N MET A 21 9.87 -25.26 9.34
CA MET A 21 9.43 -26.06 8.18
C MET A 21 10.08 -25.57 6.91
N SER A 22 10.12 -26.44 5.91
CA SER A 22 10.90 -26.24 4.70
C SER A 22 10.05 -25.98 3.48
N CYS A 23 10.50 -25.06 2.63
CA CYS A 23 9.94 -24.87 1.28
C CYS A 23 11.14 -24.86 0.31
N ARG A 24 11.15 -25.81 -0.63
CA ARG A 24 12.25 -25.91 -1.60
C ARG A 24 11.67 -25.75 -3.00
N ALA A 25 12.31 -24.93 -3.82
CA ALA A 25 11.89 -24.58 -5.16
C ALA A 25 12.75 -25.32 -6.18
N GLY A 26 12.11 -25.78 -7.24
CA GLY A 26 12.92 -26.62 -8.12
C GLY A 26 13.82 -25.78 -9.01
N GLU A 27 13.54 -24.48 -9.04
CA GLU A 27 14.33 -23.48 -9.73
C GLU A 27 14.42 -22.23 -8.85
N SER A 28 15.42 -21.42 -9.09
CA SER A 28 15.59 -20.24 -8.26
C SER A 28 14.42 -19.28 -8.43
N VAL A 29 14.06 -18.63 -7.34
CA VAL A 29 12.94 -17.68 -7.35
C VAL A 29 13.44 -16.29 -6.99
N ASP A 30 14.74 -16.09 -7.07
CA ASP A 30 15.31 -14.80 -6.72
C ASP A 30 15.14 -13.75 -7.82
N ILE A 31 15.00 -12.51 -7.38
CA ILE A 31 15.02 -11.36 -8.27
C ILE A 31 16.08 -10.39 -7.70
N PHE A 32 17.17 -10.19 -8.41
CA PHE A 32 18.33 -9.46 -7.93
C PHE A 32 18.67 -9.87 -6.49
N GLY A 33 18.83 -11.16 -6.24
CA GLY A 33 19.21 -11.57 -4.90
C GLY A 33 18.08 -11.75 -3.92
N VAL A 34 16.89 -11.21 -4.18
CA VAL A 34 15.78 -11.33 -3.21
C VAL A 34 14.81 -12.43 -3.61
N GLY A 35 14.51 -13.36 -2.69
CA GLY A 35 13.63 -14.47 -3.03
C GLY A 35 12.17 -14.01 -3.06
N PHE A 36 11.53 -14.19 -4.21
CA PHE A 36 10.10 -13.79 -4.33
C PHE A 36 9.27 -14.99 -3.88
N LEU A 37 9.45 -15.26 -2.58
CA LEU A 37 8.90 -16.43 -1.91
C LEU A 37 8.15 -15.95 -0.66
N HIS A 38 6.84 -16.24 -0.61
CA HIS A 38 6.04 -15.72 0.50
C HIS A 38 5.39 -16.83 1.33
N TRP A 39 5.05 -16.55 2.57
CA TRP A 39 4.44 -17.56 3.43
C TRP A 39 3.07 -17.09 3.91
N TYR A 40 2.14 -18.05 3.80
CA TYR A 40 0.76 -17.83 4.20
C TYR A 40 0.37 -18.82 5.29
N GLN A 41 -0.49 -18.33 6.17
CA GLN A 41 -1.08 -19.18 7.19
C GLN A 41 -2.53 -19.44 6.83
N GLN A 42 -2.97 -20.69 6.70
CA GLN A 42 -4.42 -20.86 6.48
C GLN A 42 -5.06 -21.63 7.63
N LYS A 43 -5.78 -20.85 8.44
CA LYS A 43 -6.43 -21.42 9.63
C LYS A 43 -7.65 -22.20 9.16
N PRO A 44 -8.11 -23.15 9.96
CA PRO A 44 -9.19 -24.02 9.46
C PRO A 44 -10.45 -23.27 9.12
N GLY A 45 -10.97 -23.48 7.92
CA GLY A 45 -12.13 -22.79 7.42
C GLY A 45 -11.96 -21.35 7.03
N GLN A 46 -10.72 -20.85 6.95
CA GLN A 46 -10.47 -19.45 6.66
C GLN A 46 -9.66 -19.28 5.39
N PRO A 47 -9.63 -18.09 4.81
CA PRO A 47 -8.73 -17.88 3.66
C PRO A 47 -7.28 -17.83 4.14
N PRO A 48 -6.36 -17.97 3.20
CA PRO A 48 -4.94 -17.77 3.54
C PRO A 48 -4.73 -16.38 4.11
N LYS A 49 -3.74 -16.30 4.98
CA LYS A 49 -3.35 -15.03 5.57
C LYS A 49 -1.84 -14.82 5.36
N LEU A 50 -1.46 -13.65 4.83
CA LEU A 50 -0.03 -13.39 4.58
C LEU A 50 0.74 -13.23 5.87
N LEU A 51 1.82 -14.01 6.06
CA LEU A 51 2.73 -13.84 7.19
C LEU A 51 4.00 -13.04 6.83
N ILE A 52 4.64 -13.51 5.75
CA ILE A 52 5.96 -13.04 5.34
C ILE A 52 6.08 -12.91 3.83
N TYR A 53 6.61 -11.76 3.35
CA TYR A 53 6.82 -11.63 1.91
C TYR A 53 8.33 -11.50 1.63
N ARG A 54 8.67 -11.94 0.42
CA ARG A 54 10.03 -11.88 -0.08
C ARG A 54 11.00 -12.45 0.96
N ALA A 55 10.65 -13.67 1.36
CA ALA A 55 11.43 -14.57 2.16
C ALA A 55 11.54 -14.24 3.64
N SER A 56 11.70 -12.97 4.01
CA SER A 56 11.99 -12.68 5.42
C SER A 56 11.32 -11.43 5.98
N ASN A 57 10.46 -10.79 5.20
CA ASN A 57 9.84 -9.57 5.66
C ASN A 57 8.48 -9.83 6.30
N LEU A 58 8.32 -9.53 7.57
CA LEU A 58 7.04 -9.77 8.21
C LEU A 58 6.01 -8.74 7.76
N GLU A 59 4.81 -9.18 7.48
CA GLU A 59 3.74 -8.21 7.23
C GLU A 59 3.41 -7.52 8.54
N SER A 60 3.06 -6.22 8.52
CA SER A 60 2.60 -5.61 9.75
C SER A 60 1.46 -6.34 10.43
N GLY A 61 1.60 -6.55 11.75
CA GLY A 61 0.57 -7.21 12.53
C GLY A 61 0.96 -8.65 12.79
N ILE A 62 1.96 -9.15 12.07
CA ILE A 62 2.39 -10.54 12.34
C ILE A 62 3.39 -10.53 13.47
N PRO A 63 3.21 -11.30 14.55
CA PRO A 63 4.13 -11.19 15.68
C PRO A 63 5.53 -11.71 15.38
N VAL A 64 6.51 -11.24 16.16
CA VAL A 64 7.90 -11.49 15.80
C VAL A 64 8.28 -12.92 16.15
N ARG A 65 7.36 -13.68 16.74
CA ARG A 65 7.71 -15.11 16.87
C ARG A 65 7.83 -15.83 15.52
N PHE A 66 7.33 -15.21 14.45
CA PHE A 66 7.45 -15.71 13.11
C PHE A 66 8.70 -15.15 12.44
N SER A 67 9.45 -15.99 11.74
CA SER A 67 10.53 -15.46 10.90
C SER A 67 10.76 -16.40 9.72
N GLY A 68 11.47 -15.92 8.71
CA GLY A 68 11.71 -16.68 7.50
C GLY A 68 13.13 -16.45 7.01
N THR A 69 13.71 -17.50 6.42
CA THR A 69 15.01 -17.32 5.81
C THR A 69 15.02 -17.95 4.43
N GLY A 70 16.11 -17.59 3.70
CA GLY A 70 16.23 -18.25 2.41
C GLY A 70 16.39 -17.27 1.26
N SER A 71 16.89 -17.81 0.16
CA SER A 71 17.09 -17.21 -1.11
C SER A 71 17.12 -18.33 -2.14
N ARG A 72 17.22 -18.06 -3.38
CA ARG A 72 17.29 -19.05 -4.44
C ARG A 72 16.26 -20.16 -4.36
N THR A 73 16.63 -21.29 -3.74
CA THR A 73 15.73 -22.45 -3.82
C THR A 73 15.35 -23.05 -2.49
N ASP A 74 15.98 -22.68 -1.42
CA ASP A 74 15.79 -23.34 -0.14
C ASP A 74 15.34 -22.34 0.93
N PHE A 75 14.08 -22.46 1.36
CA PHE A 75 13.50 -21.50 2.28
C PHE A 75 13.00 -22.20 3.56
N THR A 76 12.88 -21.41 4.63
CA THR A 76 12.49 -21.93 5.93
C THR A 76 11.55 -20.95 6.63
N LEU A 77 10.49 -21.46 7.20
CA LEU A 77 9.60 -20.70 8.10
C LEU A 77 9.83 -21.18 9.52
N ILE A 78 10.00 -20.23 10.44
CA ILE A 78 10.23 -20.57 11.84
C ILE A 78 9.15 -19.94 12.68
N ILE A 79 8.62 -20.73 13.63
CA ILE A 79 7.65 -20.21 14.59
C ILE A 79 8.16 -20.57 15.98
N ASP A 80 8.48 -19.55 16.77
CA ASP A 80 9.02 -19.86 18.09
C ASP A 80 8.79 -18.70 19.03
N PRO A 81 7.99 -18.84 20.07
CA PRO A 81 7.29 -20.04 20.45
C PRO A 81 5.99 -20.26 19.68
N VAL A 82 5.62 -21.53 19.49
CA VAL A 82 4.31 -21.87 18.92
C VAL A 82 3.19 -21.60 19.92
N GLU A 83 2.11 -20.99 19.46
CA GLU A 83 1.00 -20.57 20.34
C GLU A 83 -0.25 -21.24 19.84
N ALA A 84 -1.31 -21.29 20.67
CA ALA A 84 -2.53 -21.96 20.19
C ALA A 84 -3.14 -21.35 18.95
N ASP A 85 -2.94 -20.05 18.72
CA ASP A 85 -3.54 -19.44 17.54
C ASP A 85 -2.92 -20.00 16.25
N ASP A 86 -1.78 -20.66 16.36
CA ASP A 86 -1.01 -20.95 15.15
C ASP A 86 -1.44 -22.24 14.48
N VAL A 87 -2.46 -22.93 15.00
CA VAL A 87 -3.01 -24.06 14.28
C VAL A 87 -3.53 -23.67 12.91
N ALA A 88 -2.94 -24.31 11.90
CA ALA A 88 -3.15 -23.95 10.51
C ALA A 88 -2.33 -24.82 9.57
N THR A 89 -2.67 -24.69 8.30
CA THR A 89 -1.78 -25.19 7.25
C THR A 89 -0.95 -24.01 6.70
N TYR A 90 0.36 -24.15 6.63
CA TYR A 90 1.27 -23.10 6.16
C TYR A 90 1.66 -23.39 4.70
N TYR A 91 1.53 -22.36 3.87
CA TYR A 91 1.88 -22.50 2.47
C TYR A 91 2.96 -21.52 2.03
N CYS A 92 3.88 -22.02 1.20
CA CYS A 92 4.77 -21.07 0.51
C CYS A 92 4.21 -20.87 -0.90
N GLN A 93 4.52 -19.70 -1.47
CA GLN A 93 4.12 -19.30 -2.80
C GLN A 93 5.27 -18.57 -3.49
N GLN A 94 5.52 -18.73 -4.76
CA GLN A 94 6.50 -17.89 -5.44
C GLN A 94 5.78 -16.94 -6.38
N THR A 95 6.24 -15.71 -6.52
CA THR A 95 5.72 -14.82 -7.54
C THR A 95 6.86 -14.33 -8.41
N ASN A 96 7.95 -15.06 -8.44
CA ASN A 96 9.07 -14.76 -9.31
C ASN A 96 8.60 -14.78 -10.75
N GLU A 97 7.73 -15.74 -11.03
CA GLU A 97 7.27 -15.83 -12.41
C GLU A 97 5.89 -16.46 -12.46
N ASP A 98 5.14 -16.07 -13.48
CA ASP A 98 3.88 -16.71 -13.83
C ASP A 98 4.19 -18.08 -14.42
N PRO A 99 3.40 -19.09 -14.13
CA PRO A 99 2.25 -18.95 -13.26
C PRO A 99 2.68 -19.02 -11.78
N TYR A 100 2.00 -18.23 -10.94
CA TYR A 100 2.27 -18.32 -9.49
C TYR A 100 1.99 -19.73 -9.02
N THR A 101 2.88 -20.23 -8.15
CA THR A 101 2.71 -21.60 -7.70
C THR A 101 2.84 -21.61 -6.17
N PHE A 102 2.27 -22.68 -5.62
CA PHE A 102 2.22 -22.85 -4.20
C PHE A 102 2.82 -24.18 -3.77
N GLY A 103 3.45 -24.29 -2.62
CA GLY A 103 3.81 -25.58 -2.09
C GLY A 103 2.57 -26.36 -1.64
N GLY A 104 2.73 -27.65 -1.37
CA GLY A 104 1.71 -28.53 -0.88
C GLY A 104 1.21 -28.28 0.53
N GLY A 105 1.79 -27.40 1.32
CA GLY A 105 1.31 -27.17 2.67
C GLY A 105 2.04 -27.97 3.72
N THR A 106 2.23 -27.39 4.89
CA THR A 106 2.64 -28.07 6.11
C THR A 106 1.52 -27.83 7.14
N LYS A 107 0.88 -28.92 7.56
CA LYS A 107 -0.22 -28.77 8.54
C LYS A 107 0.33 -28.81 9.94
N LEU A 108 0.14 -27.72 10.67
CA LEU A 108 0.66 -27.61 12.02
C LEU A 108 -0.46 -27.91 13.03
N GLU A 109 -0.16 -28.80 13.96
CA GLU A 109 -1.17 -29.17 14.95
C GLU A 109 -0.54 -29.03 16.31
N ILE A 110 -1.36 -28.72 17.32
CA ILE A 110 -0.69 -28.78 18.62
C ILE A 110 -1.13 -30.07 19.32
N LYS A 111 -0.15 -30.74 19.90
CA LYS A 111 -0.41 -31.90 20.74
C LYS A 111 -0.83 -31.45 22.14
N GLU B 1 -11.13 0.05 5.39
CA GLU B 1 -10.24 -1.07 5.11
C GLU B 1 -10.41 -1.62 3.70
N VAL B 2 -9.34 -2.33 3.31
CA VAL B 2 -9.35 -3.13 2.09
C VAL B 2 -10.19 -4.39 2.31
N GLN B 3 -11.22 -4.58 1.50
CA GLN B 3 -12.12 -5.71 1.68
C GLN B 3 -12.45 -6.40 0.37
N LEU B 4 -12.60 -7.71 0.43
CA LEU B 4 -13.06 -8.49 -0.71
C LEU B 4 -14.28 -9.32 -0.31
N GLN B 5 -15.43 -9.03 -0.89
CA GLN B 5 -16.63 -9.77 -0.50
C GLN B 5 -17.06 -10.69 -1.65
N GLN B 6 -16.97 -11.99 -1.36
CA GLN B 6 -17.35 -12.99 -2.37
C GLN B 6 -18.82 -13.42 -2.20
N SER B 7 -19.37 -13.90 -3.29
CA SER B 7 -20.74 -14.41 -3.36
C SER B 7 -20.83 -15.74 -2.60
N GLY B 8 -22.10 -16.14 -2.39
CA GLY B 8 -22.37 -17.20 -1.44
C GLY B 8 -22.23 -18.58 -2.04
N ALA B 9 -22.29 -19.59 -1.18
CA ALA B 9 -22.07 -20.97 -1.62
C ALA B 9 -23.02 -21.36 -2.74
N GLU B 10 -22.49 -22.23 -3.58
CA GLU B 10 -23.26 -22.79 -4.68
C GLU B 10 -23.27 -24.31 -4.61
N LEU B 11 -24.43 -24.89 -4.89
CA LEU B 11 -24.77 -26.31 -4.93
C LEU B 11 -25.45 -26.50 -6.28
N VAL B 12 -24.74 -27.07 -7.24
CA VAL B 12 -25.23 -27.13 -8.60
C VAL B 12 -25.00 -28.52 -9.17
N GLU B 13 -25.61 -28.83 -10.31
CA GLU B 13 -25.42 -30.20 -10.80
C GLU B 13 -24.39 -30.29 -11.91
N PRO B 14 -23.89 -31.49 -12.15
CA PRO B 14 -23.00 -31.76 -13.28
C PRO B 14 -23.49 -31.14 -14.57
N GLY B 15 -22.56 -30.51 -15.33
CA GLY B 15 -22.95 -29.92 -16.58
C GLY B 15 -23.42 -28.49 -16.47
N ALA B 16 -23.71 -28.05 -15.25
CA ALA B 16 -24.17 -26.65 -15.19
C ALA B 16 -22.98 -25.68 -15.19
N SER B 17 -23.33 -24.41 -15.08
CA SER B 17 -22.33 -23.36 -14.97
C SER B 17 -22.60 -22.53 -13.73
N VAL B 18 -21.58 -21.83 -13.23
CA VAL B 18 -21.75 -20.93 -12.10
C VAL B 18 -20.92 -19.69 -12.41
N LYS B 19 -21.36 -18.56 -11.89
CA LYS B 19 -20.59 -17.33 -12.04
C LYS B 19 -20.41 -16.75 -10.66
N LEU B 20 -19.19 -16.72 -10.14
CA LEU B 20 -18.89 -16.25 -8.80
C LEU B 20 -18.40 -14.80 -8.81
N SER B 21 -18.76 -14.01 -7.80
CA SER B 21 -18.41 -12.59 -7.82
C SER B 21 -17.51 -12.27 -6.62
N CYS B 22 -16.71 -11.22 -6.77
CA CYS B 22 -15.71 -10.79 -5.79
C CYS B 22 -15.78 -9.27 -5.81
N THR B 23 -16.45 -8.67 -4.83
CA THR B 23 -16.62 -7.22 -4.85
C THR B 23 -15.60 -6.57 -3.93
N ALA B 24 -14.83 -5.60 -4.45
CA ALA B 24 -13.79 -4.95 -3.67
C ALA B 24 -14.30 -3.62 -3.13
N SER B 25 -13.78 -3.33 -1.94
CA SER B 25 -13.97 -1.99 -1.39
C SER B 25 -12.68 -1.57 -0.72
N GLY B 26 -12.46 -0.25 -0.65
CA GLY B 26 -11.25 0.24 -0.04
C GLY B 26 -10.14 0.57 -1.02
N PHE B 27 -10.38 0.22 -2.29
CA PHE B 27 -9.43 0.46 -3.37
C PHE B 27 -10.15 0.27 -4.68
N ASN B 28 -9.56 0.80 -5.74
CA ASN B 28 -10.14 0.68 -7.07
C ASN B 28 -9.57 -0.59 -7.70
N ILE B 29 -10.41 -1.54 -8.12
CA ILE B 29 -9.82 -2.77 -8.71
C ILE B 29 -9.00 -2.46 -9.94
N LYS B 30 -9.18 -1.28 -10.58
CA LYS B 30 -8.32 -0.98 -11.72
C LYS B 30 -6.86 -0.84 -11.31
N ASP B 31 -6.57 -0.67 -10.02
CA ASP B 31 -5.20 -0.57 -9.55
C ASP B 31 -4.61 -1.96 -9.25
N THR B 32 -5.40 -3.01 -9.55
CA THR B 32 -4.91 -4.33 -9.17
C THR B 32 -5.28 -5.46 -10.13
N TYR B 33 -4.33 -6.32 -10.48
CA TYR B 33 -4.73 -7.63 -11.04
C TYR B 33 -5.61 -8.32 -10.02
N MET B 34 -6.73 -8.86 -10.45
CA MET B 34 -7.61 -9.67 -9.59
C MET B 34 -7.39 -11.14 -9.92
N HIS B 35 -6.85 -11.86 -8.95
CA HIS B 35 -6.45 -13.24 -9.10
C HIS B 35 -7.50 -14.19 -8.54
N TRP B 36 -7.55 -15.38 -9.14
CA TRP B 36 -8.48 -16.39 -8.61
C TRP B 36 -7.68 -17.64 -8.29
N VAL B 37 -7.99 -18.23 -7.12
CA VAL B 37 -7.29 -19.39 -6.62
C VAL B 37 -8.30 -20.47 -6.23
N LYS B 38 -7.99 -21.71 -6.61
CA LYS B 38 -8.84 -22.87 -6.37
C LYS B 38 -8.28 -23.71 -5.24
N GLN B 39 -9.16 -24.23 -4.38
CA GLN B 39 -8.72 -25.15 -3.35
C GLN B 39 -9.70 -26.32 -3.25
N ARG B 40 -9.34 -27.50 -3.75
CA ARG B 40 -10.27 -28.61 -3.50
C ARG B 40 -10.28 -29.02 -2.05
N PRO B 41 -11.35 -29.69 -1.57
CA PRO B 41 -11.40 -30.19 -0.20
C PRO B 41 -10.16 -30.99 0.19
N GLU B 42 -9.55 -30.69 1.32
CA GLU B 42 -8.43 -31.48 1.81
C GLU B 42 -7.19 -31.19 0.97
N GLN B 43 -7.26 -30.22 0.05
CA GLN B 43 -6.11 -30.07 -0.85
C GLN B 43 -5.55 -28.66 -0.75
N GLY B 44 -4.54 -28.44 -1.58
CA GLY B 44 -3.76 -27.22 -1.63
C GLY B 44 -4.37 -26.16 -2.52
N LEU B 45 -3.57 -25.10 -2.63
CA LEU B 45 -3.99 -23.90 -3.36
C LEU B 45 -3.46 -24.00 -4.78
N GLU B 46 -4.30 -23.64 -5.74
CA GLU B 46 -3.95 -23.70 -7.14
C GLU B 46 -4.30 -22.39 -7.85
N TRP B 47 -3.34 -21.79 -8.52
CA TRP B 47 -3.62 -20.55 -9.24
C TRP B 47 -4.45 -20.79 -10.48
N ILE B 48 -5.55 -20.10 -10.73
CA ILE B 48 -6.29 -20.29 -11.97
C ILE B 48 -5.83 -19.30 -13.02
N GLY B 49 -5.68 -18.04 -12.58
CA GLY B 49 -5.33 -16.96 -13.51
C GLY B 49 -5.75 -15.62 -12.93
N ARG B 50 -5.76 -14.60 -13.77
CA ARG B 50 -6.05 -13.25 -13.28
C ARG B 50 -6.63 -12.36 -14.35
N ILE B 51 -7.23 -11.24 -13.95
CA ILE B 51 -7.65 -10.24 -14.89
C ILE B 51 -7.06 -8.89 -14.42
N ASP B 52 -6.72 -8.06 -15.40
CA ASP B 52 -6.39 -6.65 -15.22
C ASP B 52 -7.65 -5.86 -15.49
N PRO B 53 -8.40 -5.42 -14.48
CA PRO B 53 -9.66 -4.76 -14.73
C PRO B 53 -9.52 -3.45 -15.51
N ALA B 54 -8.33 -2.90 -15.56
CA ALA B 54 -8.09 -1.63 -16.29
C ALA B 54 -8.32 -1.82 -17.78
N ASN B 55 -8.09 -3.04 -18.28
CA ASN B 55 -8.23 -3.20 -19.72
C ASN B 55 -8.89 -4.52 -20.09
N GLY B 56 -9.25 -5.35 -19.12
CA GLY B 56 -10.00 -6.58 -19.34
C GLY B 56 -9.08 -7.74 -19.72
N ASN B 57 -7.76 -7.54 -19.70
CA ASN B 57 -6.83 -8.60 -20.11
C ASN B 57 -6.73 -9.68 -19.05
N SER B 58 -7.07 -10.92 -19.45
CA SER B 58 -6.87 -12.04 -18.52
C SER B 58 -5.74 -12.97 -18.92
N LYS B 59 -5.23 -13.73 -17.96
CA LYS B 59 -4.35 -14.84 -18.16
C LYS B 59 -4.93 -16.09 -17.48
N TYR B 60 -4.80 -17.23 -18.14
CA TYR B 60 -5.31 -18.49 -17.61
C TYR B 60 -4.25 -19.58 -17.66
N VAL B 61 -4.04 -20.33 -16.60
CA VAL B 61 -3.19 -21.53 -16.71
C VAL B 61 -3.80 -22.46 -17.74
N PRO B 62 -3.02 -23.15 -18.56
CA PRO B 62 -3.59 -24.00 -19.62
C PRO B 62 -4.70 -24.92 -19.12
N LYS B 63 -4.55 -25.54 -17.96
CA LYS B 63 -5.59 -26.53 -17.60
C LYS B 63 -6.94 -25.92 -17.32
N PHE B 64 -7.05 -24.60 -17.16
CA PHE B 64 -8.35 -23.96 -16.91
C PHE B 64 -8.90 -23.27 -18.14
N GLN B 65 -8.14 -23.33 -19.24
CA GLN B 65 -8.65 -22.62 -20.42
C GLN B 65 -9.89 -23.33 -20.96
N GLY B 66 -10.93 -22.55 -21.24
CA GLY B 66 -12.18 -23.06 -21.78
C GLY B 66 -13.13 -23.44 -20.67
N LYS B 67 -12.61 -23.68 -19.48
CA LYS B 67 -13.34 -23.96 -18.24
C LYS B 67 -13.71 -22.71 -17.44
N ALA B 68 -12.68 -21.89 -17.20
CA ALA B 68 -12.76 -20.66 -16.42
C ALA B 68 -12.76 -19.45 -17.32
N THR B 69 -13.58 -18.48 -17.01
CA THR B 69 -13.59 -17.19 -17.68
C THR B 69 -13.60 -16.14 -16.57
N ILE B 70 -12.58 -15.29 -16.58
CA ILE B 70 -12.53 -14.23 -15.59
C ILE B 70 -12.83 -12.90 -16.24
N THR B 71 -13.72 -12.13 -15.62
CA THR B 71 -14.15 -10.85 -16.15
C THR B 71 -14.20 -9.83 -15.00
N ALA B 72 -14.45 -8.57 -15.38
CA ALA B 72 -14.54 -7.56 -14.32
C ALA B 72 -15.50 -6.46 -14.77
N ASP B 73 -16.10 -5.80 -13.80
CA ASP B 73 -17.01 -4.68 -14.07
C ASP B 73 -16.47 -3.60 -13.16
N THR B 74 -15.76 -2.65 -13.77
CA THR B 74 -15.20 -1.60 -12.90
C THR B 74 -16.30 -0.70 -12.37
N SER B 75 -17.43 -0.54 -13.06
CA SER B 75 -18.43 0.36 -12.44
C SER B 75 -18.94 -0.20 -11.12
N SER B 76 -18.93 -1.50 -10.87
CA SER B 76 -19.32 -1.98 -9.54
C SER B 76 -18.16 -2.54 -8.70
N ASN B 77 -16.95 -2.22 -9.15
CA ASN B 77 -15.70 -2.63 -8.51
C ASN B 77 -15.70 -4.14 -8.26
N THR B 78 -16.15 -4.94 -9.21
CA THR B 78 -16.31 -6.37 -8.99
C THR B 78 -15.59 -7.22 -10.03
N ALA B 79 -14.95 -8.30 -9.61
CA ALA B 79 -14.38 -9.30 -10.48
C ALA B 79 -15.21 -10.58 -10.44
N TYR B 80 -15.21 -11.31 -11.56
CA TYR B 80 -16.02 -12.51 -11.67
C TYR B 80 -15.21 -13.71 -12.17
N LEU B 81 -15.61 -14.87 -11.70
CA LEU B 81 -15.11 -16.14 -12.19
C LEU B 81 -16.29 -17.00 -12.64
N GLN B 82 -16.38 -17.27 -13.94
CA GLN B 82 -17.37 -18.19 -14.50
C GLN B 82 -16.74 -19.55 -14.78
N LEU B 83 -17.43 -20.62 -14.41
CA LEU B 83 -16.95 -21.99 -14.59
C LEU B 83 -18.08 -22.74 -15.31
N THR B 84 -17.79 -23.38 -16.44
CA THR B 84 -18.83 -24.03 -17.25
C THR B 84 -18.63 -25.55 -17.29
N SER B 85 -19.62 -26.28 -17.77
CA SER B 85 -19.55 -27.73 -17.91
C SER B 85 -18.99 -28.40 -16.66
N LEU B 86 -19.62 -28.06 -15.52
CA LEU B 86 -19.08 -28.44 -14.24
C LEU B 86 -19.05 -29.95 -14.03
N THR B 87 -17.93 -30.43 -13.50
CA THR B 87 -17.80 -31.80 -13.02
C THR B 87 -17.43 -31.82 -11.55
N SER B 88 -17.29 -32.99 -10.93
CA SER B 88 -16.99 -33.07 -9.51
C SER B 88 -15.58 -32.56 -9.21
N GLU B 89 -14.77 -32.50 -10.26
CA GLU B 89 -13.40 -32.00 -10.10
C GLU B 89 -13.42 -30.48 -9.82
N ASP B 90 -14.56 -29.87 -10.03
CA ASP B 90 -14.74 -28.42 -9.89
C ASP B 90 -15.20 -28.08 -8.49
N THR B 91 -15.55 -29.09 -7.71
CA THR B 91 -15.94 -28.94 -6.31
C THR B 91 -14.74 -28.42 -5.54
N ALA B 92 -14.91 -27.24 -4.98
CA ALA B 92 -13.79 -26.53 -4.38
C ALA B 92 -14.24 -25.22 -3.77
N VAL B 93 -13.32 -24.65 -2.98
CA VAL B 93 -13.51 -23.25 -2.55
C VAL B 93 -12.70 -22.37 -3.52
N TYR B 94 -13.27 -21.26 -3.96
CA TYR B 94 -12.60 -20.37 -4.90
C TYR B 94 -12.38 -19.03 -4.21
N TYR B 95 -11.13 -18.55 -4.28
CA TYR B 95 -10.75 -17.31 -3.61
C TYR B 95 -10.34 -16.24 -4.62
N CYS B 96 -10.68 -14.99 -4.37
CA CYS B 96 -10.09 -13.88 -5.10
C CYS B 96 -9.12 -13.13 -4.23
N ALA B 97 -8.13 -12.49 -4.87
CA ALA B 97 -7.08 -11.79 -4.18
C ALA B 97 -6.47 -10.72 -5.11
N PRO B 98 -6.41 -9.45 -4.76
CA PRO B 98 -5.77 -8.43 -5.57
C PRO B 98 -4.26 -8.43 -5.41
N PHE B 99 -3.60 -8.00 -6.50
CA PHE B 99 -2.15 -7.84 -6.52
C PHE B 99 -1.86 -6.55 -7.28
N GLY B 100 -1.21 -5.57 -6.65
CA GLY B 100 -0.97 -4.32 -7.38
C GLY B 100 -0.22 -3.34 -6.47
N TYR B 101 0.55 -2.46 -7.14
CA TYR B 101 1.44 -1.49 -6.52
C TYR B 101 0.83 -0.72 -5.35
N TYR B 102 -0.36 -0.16 -5.56
CA TYR B 102 -0.92 0.72 -4.54
C TYR B 102 -1.80 0.05 -3.52
N VAL B 103 -1.94 -1.27 -3.60
CA VAL B 103 -2.83 -1.97 -2.68
C VAL B 103 -2.14 -3.14 -2.00
N SER B 104 -1.54 -4.04 -2.77
CA SER B 104 -0.87 -5.24 -2.29
C SER B 104 0.34 -5.49 -3.19
N ASP B 105 1.45 -4.84 -2.93
CA ASP B 105 2.53 -4.76 -3.91
C ASP B 105 3.48 -5.95 -3.91
N TYR B 106 3.62 -6.68 -2.79
CA TYR B 106 4.65 -7.69 -2.64
C TYR B 106 4.19 -9.13 -2.80
N ALA B 107 3.01 -9.35 -2.28
CA ALA B 107 2.38 -10.69 -2.26
C ALA B 107 0.86 -10.50 -2.21
N MET B 108 0.12 -11.52 -1.80
CA MET B 108 -1.34 -11.37 -1.73
C MET B 108 -1.73 -11.11 -0.27
N ALA B 109 -1.81 -9.84 0.13
CA ALA B 109 -2.04 -9.51 1.53
C ALA B 109 -3.52 -9.54 1.89
N TYR B 110 -4.37 -9.55 0.84
CA TYR B 110 -5.82 -9.45 0.98
C TYR B 110 -6.53 -10.56 0.22
N TRP B 111 -7.40 -11.28 0.93
CA TRP B 111 -8.12 -12.38 0.33
C TRP B 111 -9.63 -12.29 0.58
N GLY B 112 -10.44 -12.60 -0.43
CA GLY B 112 -11.86 -12.79 -0.07
C GLY B 112 -12.03 -13.99 0.83
N GLN B 113 -13.26 -14.16 1.34
CA GLN B 113 -13.51 -15.23 2.30
C GLN B 113 -13.71 -16.56 1.62
N GLY B 114 -13.77 -16.56 0.30
CA GLY B 114 -13.86 -17.81 -0.47
C GLY B 114 -15.31 -18.11 -0.81
N THR B 115 -15.52 -18.75 -1.94
CA THR B 115 -16.84 -19.22 -2.33
C THR B 115 -16.78 -20.73 -2.57
N SER B 116 -17.59 -21.46 -1.81
CA SER B 116 -17.61 -22.93 -1.99
C SER B 116 -18.53 -23.30 -3.15
N VAL B 117 -18.07 -24.18 -4.03
CA VAL B 117 -18.91 -24.64 -5.12
C VAL B 117 -18.97 -26.15 -4.96
N THR B 118 -20.18 -26.71 -4.90
CA THR B 118 -20.35 -28.14 -4.78
C THR B 118 -21.11 -28.64 -6.02
N VAL B 119 -20.50 -29.62 -6.67
CA VAL B 119 -21.07 -30.19 -7.89
C VAL B 119 -21.60 -31.61 -7.73
N SER B 120 -22.91 -31.80 -7.63
CA SER B 120 -23.41 -33.17 -7.44
C SER B 120 -24.91 -33.23 -7.70
N SER B 121 -25.41 -34.43 -8.00
CA SER B 121 -26.87 -34.46 -8.24
C SER B 121 -27.66 -34.20 -6.97
N ASP C 1 9.58 5.15 -8.69
CA ASP C 1 9.01 6.47 -8.41
C ASP C 1 10.06 7.54 -8.69
N ILE C 2 9.66 8.81 -8.78
CA ILE C 2 10.61 9.86 -9.14
C ILE C 2 11.30 10.41 -7.92
N VAL C 3 12.61 10.21 -7.87
CA VAL C 3 13.39 10.66 -6.74
C VAL C 3 13.73 12.15 -6.87
N LEU C 4 13.52 12.92 -5.80
CA LEU C 4 13.87 14.34 -5.87
C LEU C 4 15.03 14.55 -4.90
N THR C 5 16.08 15.18 -5.42
CA THR C 5 17.24 15.43 -4.59
C THR C 5 17.44 16.93 -4.37
N GLN C 6 17.45 17.35 -3.12
CA GLN C 6 17.64 18.77 -2.84
C GLN C 6 19.04 19.06 -2.36
N SER C 7 19.53 20.25 -2.67
CA SER C 7 20.85 20.68 -2.22
C SER C 7 20.84 22.19 -2.11
N PRO C 8 21.62 22.78 -1.25
CA PRO C 8 22.40 22.09 -0.21
C PRO C 8 21.46 21.65 0.90
N ALA C 9 21.95 20.77 1.77
CA ALA C 9 21.13 20.35 2.91
C ALA C 9 20.78 21.51 3.82
N SER C 10 21.77 22.40 4.01
CA SER C 10 21.63 23.57 4.85
C SER C 10 22.27 24.73 4.12
N LEU C 11 21.66 25.90 4.21
CA LEU C 11 22.21 27.06 3.53
C LEU C 11 22.17 28.27 4.45
N ALA C 12 23.31 28.90 4.71
CA ALA C 12 23.33 30.14 5.50
C ALA C 12 23.52 31.32 4.57
N VAL C 13 22.71 32.35 4.61
CA VAL C 13 22.77 33.47 3.69
C VAL C 13 22.62 34.75 4.50
N SER C 14 23.30 35.78 4.08
CA SER C 14 23.19 37.08 4.78
C SER C 14 21.85 37.72 4.51
N LEU C 15 21.33 38.49 5.48
CA LEU C 15 20.11 39.22 5.15
C LEU C 15 20.36 40.16 3.98
N GLY C 16 19.37 40.20 3.11
CA GLY C 16 19.41 41.08 1.96
C GLY C 16 20.07 40.44 0.77
N GLN C 17 20.71 39.29 0.99
CA GLN C 17 21.30 38.56 -0.16
C GLN C 17 20.33 37.55 -0.76
N ARG C 18 20.75 36.86 -1.81
CA ARG C 18 19.94 35.83 -2.43
C ARG C 18 20.16 34.44 -1.87
N ALA C 19 19.05 33.71 -1.67
CA ALA C 19 19.08 32.29 -1.37
C ALA C 19 18.66 31.52 -2.62
N THR C 20 19.49 30.58 -3.05
CA THR C 20 19.13 29.72 -4.18
C THR C 20 19.16 28.26 -3.74
N MET C 21 18.02 27.58 -3.87
CA MET C 21 17.82 26.21 -3.38
C MET C 21 17.52 25.30 -4.56
N SER C 22 18.21 24.16 -4.69
CA SER C 22 18.07 23.26 -5.83
C SER C 22 17.24 22.01 -5.54
N CYS C 23 16.49 21.64 -6.56
CA CYS C 23 15.74 20.38 -6.53
C CYS C 23 15.97 19.69 -7.88
N ARG C 24 16.53 18.48 -7.85
CA ARG C 24 16.78 17.74 -9.10
C ARG C 24 15.96 16.47 -9.11
N ALA C 25 15.18 16.26 -10.16
CA ALA C 25 14.36 15.07 -10.32
C ALA C 25 15.11 14.01 -11.13
N GLY C 26 15.01 12.75 -10.69
CA GLY C 26 15.77 11.72 -11.40
C GLY C 26 15.13 11.39 -12.73
N GLU C 27 13.89 11.76 -12.96
CA GLU C 27 13.28 11.69 -14.27
C GLU C 27 12.45 12.96 -14.51
N SER C 28 12.06 13.22 -15.74
CA SER C 28 11.38 14.48 -16.03
C SER C 28 10.01 14.54 -15.36
N VAL C 29 9.66 15.75 -14.89
CA VAL C 29 8.35 15.91 -14.25
C VAL C 29 7.48 16.81 -15.09
N ASP C 30 7.87 17.04 -16.34
CA ASP C 30 7.11 18.02 -17.12
C ASP C 30 6.04 17.41 -18.02
N ILE C 31 5.02 18.23 -18.21
CA ILE C 31 3.91 17.99 -19.13
C ILE C 31 3.94 19.06 -20.22
N PHE C 32 4.47 18.77 -21.41
CA PHE C 32 4.56 19.85 -22.39
C PHE C 32 5.35 21.03 -21.88
N GLY C 33 6.51 20.77 -21.25
CA GLY C 33 7.23 21.94 -20.77
C GLY C 33 6.50 22.67 -19.67
N VAL C 34 5.69 21.96 -18.91
CA VAL C 34 5.21 22.52 -17.62
C VAL C 34 5.68 21.58 -16.52
N GLY C 35 6.55 22.03 -15.61
CA GLY C 35 7.10 21.14 -14.60
C GLY C 35 6.12 21.03 -13.44
N PHE C 36 5.71 19.81 -13.08
CA PHE C 36 4.73 19.65 -11.99
C PHE C 36 5.52 19.40 -10.72
N LEU C 37 6.16 20.49 -10.33
CA LEU C 37 7.15 20.56 -9.27
C LEU C 37 6.77 21.77 -8.41
N HIS C 38 6.49 21.57 -7.14
CA HIS C 38 6.00 22.61 -6.26
C HIS C 38 6.96 22.79 -5.10
N TRP C 39 6.91 23.97 -4.52
CA TRP C 39 7.79 24.29 -3.39
C TRP C 39 7.02 24.71 -2.13
N TYR C 40 7.43 24.23 -0.98
CA TYR C 40 6.76 24.44 0.30
C TYR C 40 7.78 24.98 1.27
N GLN C 41 7.34 25.81 2.18
CA GLN C 41 8.13 26.31 3.31
C GLN C 41 7.59 25.74 4.60
N GLN C 42 8.45 25.37 5.54
CA GLN C 42 7.91 24.83 6.78
C GLN C 42 8.71 25.37 7.97
N LYS C 43 7.97 25.89 8.95
CA LYS C 43 8.58 26.35 10.19
C LYS C 43 8.15 25.46 11.34
N PRO C 44 8.93 25.45 12.41
CA PRO C 44 8.70 24.50 13.50
C PRO C 44 7.29 24.61 14.06
N GLY C 45 6.65 23.45 14.23
CA GLY C 45 5.35 23.46 14.88
C GLY C 45 4.20 23.79 13.93
N GLN C 46 4.57 23.97 12.66
CA GLN C 46 3.64 24.36 11.61
C GLN C 46 3.60 23.34 10.48
N PRO C 47 2.51 23.24 9.74
CA PRO C 47 2.52 22.44 8.55
C PRO C 47 3.28 23.13 7.43
N PRO C 48 3.59 22.42 6.37
CA PRO C 48 4.18 23.02 5.19
C PRO C 48 3.23 24.09 4.63
N LYS C 49 3.80 25.11 3.99
CA LYS C 49 3.04 26.20 3.37
C LYS C 49 3.38 26.25 1.88
N LEU C 50 2.41 26.19 0.98
CA LEU C 50 2.70 26.26 -0.45
C LEU C 50 3.24 27.62 -0.87
N LEU C 51 4.38 27.63 -1.57
CA LEU C 51 4.99 28.89 -2.02
C LEU C 51 4.75 29.04 -3.53
N ILE C 52 5.10 27.98 -4.27
CA ILE C 52 5.17 28.01 -5.73
C ILE C 52 4.57 26.73 -6.30
N TYR C 53 3.69 26.80 -7.27
CA TYR C 53 3.15 25.58 -7.86
C TYR C 53 3.58 25.54 -9.33
N ARG C 54 3.69 24.33 -9.87
CA ARG C 54 4.07 24.13 -11.27
C ARG C 54 5.30 24.94 -11.67
N ALA C 55 6.35 24.76 -10.89
CA ALA C 55 7.69 25.25 -11.10
C ALA C 55 7.86 26.74 -10.87
N SER C 56 6.91 27.57 -11.34
CA SER C 56 7.26 28.98 -11.34
C SER C 56 6.10 29.88 -10.99
N ASN C 57 4.96 29.31 -10.59
CA ASN C 57 3.83 30.16 -10.24
C ASN C 57 3.70 30.49 -8.78
N LEU C 58 3.73 31.77 -8.39
CA LEU C 58 3.52 32.10 -7.00
C LEU C 58 2.07 31.92 -6.53
N GLU C 59 1.94 31.27 -5.37
CA GLU C 59 0.59 31.12 -4.78
C GLU C 59 0.16 32.51 -4.34
N SER C 60 -1.11 32.82 -4.48
CA SER C 60 -1.60 34.15 -4.15
C SER C 60 -1.21 34.53 -2.74
N GLY C 61 -0.71 35.74 -2.47
CA GLY C 61 -0.32 36.07 -1.12
C GLY C 61 1.13 35.80 -0.76
N ILE C 62 1.90 35.04 -1.53
CA ILE C 62 3.32 34.84 -1.18
C ILE C 62 4.11 36.04 -1.66
N PRO C 63 5.04 36.59 -0.84
CA PRO C 63 5.78 37.79 -1.28
C PRO C 63 6.56 37.61 -2.58
N VAL C 64 6.69 38.72 -3.31
CA VAL C 64 7.32 38.66 -4.61
C VAL C 64 8.80 38.33 -4.58
N ARG C 65 9.45 38.36 -3.42
CA ARG C 65 10.88 38.00 -3.36
C ARG C 65 11.08 36.50 -3.61
N PHE C 66 10.00 35.73 -3.62
CA PHE C 66 10.09 34.32 -3.96
C PHE C 66 9.88 34.11 -5.46
N SER C 67 10.69 33.23 -6.07
CA SER C 67 10.44 32.84 -7.47
C SER C 67 10.91 31.41 -7.65
N GLY C 68 10.47 30.74 -8.70
CA GLY C 68 10.93 29.38 -8.97
C GLY C 68 11.23 29.30 -10.45
N THR C 69 12.22 28.48 -10.77
CA THR C 69 12.59 28.30 -12.16
C THR C 69 12.86 26.82 -12.46
N GLY C 70 12.73 26.46 -13.72
CA GLY C 70 13.06 25.12 -14.22
C GLY C 70 11.82 24.49 -14.83
N SER C 71 12.01 23.43 -15.63
CA SER C 71 10.79 22.82 -16.19
C SER C 71 10.89 21.30 -16.34
N ARG C 72 12.08 20.70 -16.42
CA ARG C 72 12.08 19.25 -16.69
C ARG C 72 12.59 18.38 -15.55
N THR C 73 13.87 18.45 -15.28
CA THR C 73 14.52 17.79 -14.19
C THR C 73 15.21 18.74 -13.20
N ASP C 74 15.62 19.92 -13.61
CA ASP C 74 16.41 20.76 -12.72
C ASP C 74 15.61 22.00 -12.31
N PHE C 75 15.50 22.22 -10.99
CA PHE C 75 14.68 23.34 -10.50
C PHE C 75 15.40 24.13 -9.44
N THR C 76 15.05 25.44 -9.33
CA THR C 76 15.57 26.19 -8.20
C THR C 76 14.46 27.07 -7.60
N LEU C 77 14.49 27.19 -6.30
CA LEU C 77 13.70 28.15 -5.55
C LEU C 77 14.62 29.31 -5.21
N ILE C 78 14.21 30.51 -5.51
CA ILE C 78 15.08 31.67 -5.28
C ILE C 78 14.34 32.64 -4.36
N ILE C 79 15.05 33.10 -3.35
CA ILE C 79 14.50 34.14 -2.47
C ILE C 79 15.46 35.32 -2.58
N ASP C 80 14.99 36.48 -2.97
CA ASP C 80 15.92 37.63 -3.08
C ASP C 80 15.14 38.93 -3.01
N PRO C 81 15.35 39.71 -1.97
CA PRO C 81 16.37 39.51 -0.94
C PRO C 81 15.83 38.72 0.24
N VAL C 82 16.72 37.97 0.88
CA VAL C 82 16.27 37.17 2.03
C VAL C 82 15.96 38.07 3.23
N GLU C 83 14.85 37.75 3.90
CA GLU C 83 14.37 38.42 5.10
C GLU C 83 14.53 37.50 6.29
N ALA C 84 14.61 37.98 7.53
CA ALA C 84 14.81 37.02 8.61
C ALA C 84 13.66 36.04 8.76
N ASP C 85 12.43 36.40 8.40
CA ASP C 85 11.36 35.43 8.53
C ASP C 85 11.31 34.46 7.35
N ASP C 86 12.37 34.39 6.55
CA ASP C 86 12.48 33.33 5.54
C ASP C 86 13.27 32.16 6.09
N VAL C 87 13.69 32.28 7.36
CA VAL C 87 14.35 31.14 8.02
C VAL C 87 13.35 30.02 8.20
N ALA C 88 13.62 28.84 7.68
CA ALA C 88 12.65 27.75 7.56
C ALA C 88 13.27 26.59 6.81
N THR C 89 12.57 25.47 6.69
CA THR C 89 13.02 24.37 5.84
C THR C 89 12.17 24.38 4.58
N TYR C 90 12.80 24.17 3.42
CA TYR C 90 12.08 24.23 2.17
C TYR C 90 12.07 22.88 1.48
N TYR C 91 10.93 22.46 0.98
CA TYR C 91 10.79 21.16 0.32
C TYR C 91 10.28 21.29 -1.09
N CYS C 92 10.83 20.49 -1.99
CA CYS C 92 10.15 20.34 -3.28
C CYS C 92 9.31 19.05 -3.28
N GLN C 93 8.32 19.02 -4.16
CA GLN C 93 7.39 17.92 -4.35
C GLN C 93 7.05 17.79 -5.82
N GLN C 94 6.93 16.56 -6.33
CA GLN C 94 6.34 16.49 -7.68
C GLN C 94 4.96 15.84 -7.63
N THR C 95 4.10 16.24 -8.54
CA THR C 95 2.83 15.52 -8.72
C THR C 95 2.59 15.17 -10.19
N ASN C 96 3.69 15.01 -10.92
CA ASN C 96 3.67 14.61 -12.31
C ASN C 96 3.13 13.19 -12.40
N GLU C 97 3.52 12.38 -11.40
CA GLU C 97 3.00 11.02 -11.35
C GLU C 97 2.84 10.49 -9.93
N ASP C 98 1.90 9.57 -9.73
CA ASP C 98 1.84 8.85 -8.45
C ASP C 98 3.02 7.88 -8.40
N PRO C 99 3.62 7.55 -7.26
CA PRO C 99 3.35 8.20 -5.98
C PRO C 99 4.02 9.59 -5.93
N TYR C 100 3.32 10.51 -5.30
CA TYR C 100 3.85 11.85 -5.04
C TYR C 100 5.11 11.71 -4.20
N THR C 101 6.14 12.51 -4.52
CA THR C 101 7.38 12.37 -3.79
C THR C 101 7.83 13.79 -3.39
N PHE C 102 8.68 13.80 -2.38
CA PHE C 102 9.28 15.00 -1.84
C PHE C 102 10.79 14.93 -1.86
N GLY C 103 11.42 16.10 -2.02
CA GLY C 103 12.86 16.13 -1.79
C GLY C 103 13.14 16.10 -0.28
N GLY C 104 14.39 15.92 0.16
CA GLY C 104 14.65 15.78 1.58
C GLY C 104 14.77 17.08 2.35
N GLY C 105 14.58 18.22 1.69
CA GLY C 105 14.58 19.54 2.29
C GLY C 105 15.91 20.26 2.32
N THR C 106 15.86 21.59 2.36
CA THR C 106 16.96 22.50 2.58
C THR C 106 16.61 23.43 3.74
N LYS C 107 17.45 23.48 4.75
CA LYS C 107 17.20 24.38 5.87
C LYS C 107 17.89 25.70 5.63
N LEU C 108 17.16 26.81 5.68
CA LEU C 108 17.78 28.11 5.42
C LEU C 108 18.02 28.81 6.77
N GLU C 109 19.24 29.27 6.96
CA GLU C 109 19.67 29.97 8.17
C GLU C 109 20.29 31.31 7.81
N ILE C 110 20.38 32.22 8.79
CA ILE C 110 20.98 33.52 8.53
C ILE C 110 22.45 33.54 8.89
N LYS C 111 23.27 33.95 7.91
CA LYS C 111 24.70 34.13 8.17
C LYS C 111 24.91 35.49 8.81
N GLU D 1 -13.47 30.17 4.46
CA GLU D 1 -12.11 29.65 4.27
C GLU D 1 -12.08 28.13 4.26
N VAL D 2 -11.13 27.61 3.50
CA VAL D 2 -10.87 26.18 3.53
C VAL D 2 -10.13 25.88 4.84
N GLN D 3 -10.60 24.93 5.64
CA GLN D 3 -9.90 24.60 6.88
C GLN D 3 -9.87 23.08 7.06
N LEU D 4 -8.77 22.62 7.60
CA LEU D 4 -8.55 21.24 8.02
C LEU D 4 -8.16 21.16 9.48
N GLN D 5 -9.05 20.55 10.26
CA GLN D 5 -8.83 20.48 11.70
C GLN D 5 -8.54 19.03 12.08
N GLN D 6 -7.32 18.82 12.54
CA GLN D 6 -6.85 17.49 12.92
C GLN D 6 -7.03 17.22 14.40
N SER D 7 -7.11 15.95 14.76
CA SER D 7 -7.29 15.55 16.16
C SER D 7 -6.04 15.73 16.98
N GLY D 8 -6.19 15.65 18.32
CA GLY D 8 -5.06 16.00 19.17
C GLY D 8 -3.97 14.95 19.31
N ALA D 9 -2.89 15.34 19.99
CA ALA D 9 -1.70 14.51 20.11
C ALA D 9 -2.01 13.14 20.73
N GLU D 10 -1.24 12.15 20.32
CA GLU D 10 -1.40 10.80 20.84
C GLU D 10 -0.09 10.34 21.48
N LEU D 11 -0.23 9.79 22.68
CA LEU D 11 0.93 9.19 23.36
C LEU D 11 0.54 7.75 23.67
N VAL D 12 1.18 6.77 23.03
CA VAL D 12 0.67 5.40 23.15
C VAL D 12 1.83 4.42 23.25
N GLU D 13 1.52 3.19 23.68
CA GLU D 13 2.64 2.24 23.79
C GLU D 13 2.83 1.43 22.51
N PRO D 14 4.03 0.88 22.36
CA PRO D 14 4.29 -0.02 21.23
C PRO D 14 3.27 -1.14 21.18
N GLY D 15 2.84 -1.41 19.94
CA GLY D 15 1.86 -2.42 19.63
C GLY D 15 0.43 -1.93 19.62
N ALA D 16 0.20 -0.72 20.12
CA ALA D 16 -1.17 -0.25 20.15
C ALA D 16 -1.57 0.25 18.76
N SER D 17 -2.79 0.74 18.63
CA SER D 17 -3.12 1.42 17.38
C SER D 17 -3.67 2.81 17.68
N VAL D 18 -3.72 3.65 16.67
CA VAL D 18 -4.36 4.95 16.81
C VAL D 18 -5.15 5.23 15.53
N LYS D 19 -6.16 6.06 15.67
CA LYS D 19 -6.95 6.51 14.54
C LYS D 19 -7.02 8.04 14.57
N LEU D 20 -6.41 8.68 13.60
CA LEU D 20 -6.32 10.15 13.59
C LEU D 20 -7.43 10.69 12.72
N SER D 21 -7.95 11.89 13.05
CA SER D 21 -9.00 12.43 12.20
C SER D 21 -8.62 13.77 11.60
N CYS D 22 -9.23 14.04 10.46
CA CYS D 22 -9.02 15.30 9.74
C CYS D 22 -10.37 15.79 9.27
N THR D 23 -10.94 16.77 9.97
CA THR D 23 -12.25 17.27 9.59
C THR D 23 -12.18 18.54 8.74
N ALA D 24 -12.78 18.51 7.57
CA ALA D 24 -12.70 19.59 6.61
C ALA D 24 -13.88 20.54 6.74
N SER D 25 -13.61 21.81 6.50
CA SER D 25 -14.74 22.75 6.33
C SER D 25 -14.41 23.73 5.22
N GLY D 26 -15.44 24.30 4.59
CA GLY D 26 -15.25 25.19 3.48
C GLY D 26 -15.27 24.51 2.13
N PHE D 27 -15.32 23.16 2.14
CA PHE D 27 -15.40 22.40 0.91
C PHE D 27 -15.91 20.99 1.26
N ASN D 28 -16.43 20.31 0.26
CA ASN D 28 -16.91 18.93 0.42
C ASN D 28 -15.76 17.97 0.21
N ILE D 29 -15.44 17.07 1.14
CA ILE D 29 -14.29 16.21 0.86
C ILE D 29 -14.53 15.28 -0.32
N LYS D 30 -15.77 15.10 -0.75
CA LYS D 30 -15.98 14.30 -1.96
C LYS D 30 -15.43 14.93 -3.22
N ASP D 31 -15.08 16.22 -3.18
CA ASP D 31 -14.55 16.90 -4.34
C ASP D 31 -13.02 16.83 -4.34
N THR D 32 -12.47 16.02 -3.42
CA THR D 32 -11.02 15.99 -3.31
C THR D 32 -10.54 14.54 -3.16
N TYR D 33 -9.25 14.36 -3.37
CA TYR D 33 -8.54 13.23 -2.77
C TYR D 33 -8.02 13.73 -1.43
N MET D 34 -8.17 12.96 -0.35
CA MET D 34 -7.62 13.39 0.93
C MET D 34 -6.33 12.59 1.16
N HIS D 35 -5.21 13.31 1.11
CA HIS D 35 -3.91 12.71 1.30
C HIS D 35 -3.37 12.77 2.71
N TRP D 36 -2.53 11.79 3.04
CA TRP D 36 -1.88 11.83 4.37
C TRP D 36 -0.36 11.79 4.18
N VAL D 37 0.35 12.57 4.98
CA VAL D 37 1.80 12.76 4.88
C VAL D 37 2.42 12.53 6.26
N LYS D 38 3.53 11.80 6.35
CA LYS D 38 4.20 11.57 7.63
C LYS D 38 5.50 12.37 7.76
N GLN D 39 5.81 12.82 8.97
CA GLN D 39 7.08 13.54 9.19
C GLN D 39 7.69 13.13 10.51
N ARG D 40 8.71 12.26 10.46
CA ARG D 40 9.36 11.90 11.72
C ARG D 40 10.09 13.11 12.31
N PRO D 41 10.37 13.10 13.62
CA PRO D 41 11.03 14.25 14.26
C PRO D 41 12.30 14.65 13.56
N GLU D 42 12.44 15.92 13.22
CA GLU D 42 13.56 16.53 12.53
C GLU D 42 13.86 15.91 11.17
N GLN D 43 12.90 15.22 10.57
CA GLN D 43 13.11 14.61 9.26
C GLN D 43 12.14 15.21 8.24
N GLY D 44 12.15 14.62 7.05
CA GLY D 44 11.44 15.20 5.92
C GLY D 44 9.99 14.74 5.83
N LEU D 45 9.33 15.08 4.73
CA LEU D 45 7.95 14.72 4.47
C LEU D 45 7.89 13.44 3.65
N GLU D 46 6.99 12.53 4.05
CA GLU D 46 6.85 11.26 3.34
C GLU D 46 5.38 11.04 2.96
N TRP D 47 5.08 10.75 1.72
CA TRP D 47 3.69 10.49 1.33
C TRP D 47 3.24 9.11 1.79
N ILE D 48 2.08 9.04 2.43
CA ILE D 48 1.57 7.71 2.82
C ILE D 48 0.59 7.15 1.82
N GLY D 49 -0.37 7.98 1.43
CA GLY D 49 -1.39 7.56 0.48
C GLY D 49 -2.53 8.57 0.47
N ARG D 50 -3.62 8.19 -0.19
CA ARG D 50 -4.78 9.06 -0.22
C ARG D 50 -6.06 8.23 -0.37
N ILE D 51 -7.18 8.86 -0.05
CA ILE D 51 -8.48 8.26 -0.29
C ILE D 51 -9.32 9.18 -1.17
N ASP D 52 -10.15 8.59 -2.00
CA ASP D 52 -11.22 9.25 -2.72
C ASP D 52 -12.50 9.16 -1.89
N PRO D 53 -12.92 10.17 -1.15
CA PRO D 53 -14.10 10.03 -0.29
C PRO D 53 -15.39 9.79 -1.06
N ALA D 54 -15.46 10.04 -2.36
CA ALA D 54 -16.71 9.78 -3.06
C ALA D 54 -16.95 8.29 -3.20
N ASN D 55 -15.92 7.44 -3.14
CA ASN D 55 -16.22 6.01 -3.33
C ASN D 55 -15.47 5.13 -2.33
N GLY D 56 -14.68 5.71 -1.42
CA GLY D 56 -13.93 4.92 -0.45
C GLY D 56 -12.61 4.38 -0.98
N ASN D 57 -12.22 4.65 -2.23
CA ASN D 57 -11.02 4.03 -2.77
C ASN D 57 -9.73 4.68 -2.29
N SER D 58 -8.82 3.95 -1.67
CA SER D 58 -7.52 4.46 -1.27
C SER D 58 -6.39 3.88 -2.12
N LYS D 59 -5.26 4.55 -2.11
CA LYS D 59 -3.99 4.16 -2.63
C LYS D 59 -2.93 4.29 -1.52
N TYR D 60 -2.03 3.34 -1.42
CA TYR D 60 -1.01 3.28 -0.37
C TYR D 60 0.35 3.06 -1.00
N VAL D 61 1.41 3.86 -0.68
CA VAL D 61 2.71 3.43 -1.17
C VAL D 61 3.05 2.11 -0.47
N PRO D 62 3.74 1.24 -1.18
CA PRO D 62 4.09 -0.08 -0.64
C PRO D 62 4.59 -0.11 0.80
N LYS D 63 5.52 0.80 1.17
CA LYS D 63 6.01 0.54 2.54
C LYS D 63 4.97 0.83 3.61
N PHE D 64 3.85 1.50 3.31
CA PHE D 64 2.86 1.74 4.37
C PHE D 64 1.74 0.71 4.30
N GLN D 65 1.76 -0.21 3.34
CA GLN D 65 0.69 -1.18 3.26
C GLN D 65 0.73 -2.11 4.47
N GLY D 66 -0.47 -2.30 5.02
CA GLY D 66 -0.57 -3.09 6.23
C GLY D 66 -0.39 -2.25 7.49
N LYS D 67 0.27 -1.11 7.43
CA LYS D 67 0.51 -0.23 8.58
C LYS D 67 -0.57 0.83 8.67
N ALA D 68 -0.84 1.49 7.54
CA ALA D 68 -1.79 2.59 7.40
C ALA D 68 -3.08 2.16 6.73
N THR D 69 -4.20 2.62 7.29
CA THR D 69 -5.51 2.46 6.67
C THR D 69 -6.15 3.85 6.60
N ILE D 70 -6.54 4.26 5.40
CA ILE D 70 -7.21 5.55 5.26
C ILE D 70 -8.69 5.33 4.95
N THR D 71 -9.53 6.05 5.70
CA THR D 71 -10.96 5.97 5.48
C THR D 71 -11.55 7.38 5.49
N ALA D 72 -12.86 7.43 5.15
CA ALA D 72 -13.49 8.73 5.10
C ALA D 72 -14.93 8.58 5.57
N ASP D 73 -15.51 9.62 6.14
CA ASP D 73 -16.93 9.61 6.48
C ASP D 73 -17.48 10.91 5.89
N THR D 74 -18.21 10.76 4.79
CA THR D 74 -18.66 12.00 4.15
C THR D 74 -19.73 12.67 4.99
N SER D 75 -20.48 11.90 5.78
CA SER D 75 -21.53 12.57 6.57
C SER D 75 -20.93 13.56 7.55
N SER D 76 -19.69 13.40 7.99
CA SER D 76 -19.08 14.37 8.88
C SER D 76 -17.92 15.11 8.17
N ASN D 77 -17.84 14.98 6.85
CA ASN D 77 -16.76 15.64 6.13
C ASN D 77 -15.38 15.38 6.72
N THR D 78 -15.09 14.14 7.08
CA THR D 78 -13.87 13.83 7.83
C THR D 78 -13.15 12.64 7.19
N ALA D 79 -11.83 12.76 7.11
CA ALA D 79 -10.97 11.65 6.72
C ALA D 79 -10.16 11.16 7.91
N TYR D 80 -9.79 9.88 7.89
CA TYR D 80 -9.09 9.30 9.03
C TYR D 80 -7.86 8.53 8.55
N LEU D 81 -6.87 8.49 9.42
CA LEU D 81 -5.71 7.64 9.25
C LEU D 81 -5.54 6.77 10.51
N GLN D 82 -5.68 5.46 10.26
CA GLN D 82 -5.42 4.49 11.32
C GLN D 82 -4.04 3.88 11.16
N LEU D 83 -3.29 3.78 12.23
CA LEU D 83 -1.97 3.17 12.25
C LEU D 83 -1.99 2.05 13.28
N THR D 84 -1.56 0.86 12.89
CA THR D 84 -1.64 -0.30 13.76
C THR D 84 -0.25 -0.89 14.03
N SER D 85 -0.21 -1.78 15.01
CA SER D 85 1.03 -2.40 15.49
C SER D 85 2.13 -1.37 15.68
N LEU D 86 1.84 -0.34 16.49
CA LEU D 86 2.74 0.79 16.49
C LEU D 86 4.14 0.47 16.99
N THR D 87 5.14 1.08 16.39
CA THR D 87 6.51 1.05 16.87
C THR D 87 7.14 2.44 16.93
N SER D 88 8.39 2.56 17.39
CA SER D 88 8.97 3.90 17.49
C SER D 88 9.20 4.50 16.12
N GLU D 89 9.26 3.68 15.08
CA GLU D 89 9.42 4.23 13.74
C GLU D 89 8.14 4.95 13.32
N ASP D 90 7.05 4.74 14.05
CA ASP D 90 5.80 5.41 13.72
C ASP D 90 5.71 6.74 14.47
N THR D 91 6.62 7.01 15.41
CA THR D 91 6.60 8.32 16.06
C THR D 91 6.83 9.41 15.04
N ALA D 92 5.85 10.31 14.91
CA ALA D 92 5.89 11.32 13.86
C ALA D 92 4.73 12.29 14.00
N VAL D 93 4.78 13.35 13.17
CA VAL D 93 3.63 14.20 12.97
C VAL D 93 2.96 13.78 11.65
N TYR D 94 1.64 13.62 11.67
CA TYR D 94 0.91 13.21 10.50
C TYR D 94 0.01 14.36 10.05
N TYR D 95 0.06 14.64 8.76
CA TYR D 95 -0.71 15.74 8.19
C TYR D 95 -1.74 15.29 7.18
N CYS D 96 -2.88 15.95 7.14
CA CYS D 96 -3.80 15.70 6.02
C CYS D 96 -3.79 16.89 5.06
N ALA D 97 -4.08 16.64 3.80
CA ALA D 97 -4.16 17.69 2.80
C ALA D 97 -5.03 17.27 1.63
N PRO D 98 -5.98 18.10 1.22
CA PRO D 98 -6.79 17.80 0.06
C PRO D 98 -6.08 18.12 -1.25
N PHE D 99 -6.47 17.36 -2.28
CA PHE D 99 -6.04 17.67 -3.62
C PHE D 99 -7.24 17.48 -4.54
N GLY D 100 -7.69 18.50 -5.26
CA GLY D 100 -8.83 18.24 -6.16
C GLY D 100 -9.14 19.49 -6.97
N TYR D 101 -9.77 19.27 -8.12
CA TYR D 101 -10.04 20.36 -9.08
C TYR D 101 -10.69 21.60 -8.49
N TYR D 102 -11.75 21.48 -7.70
CA TYR D 102 -12.43 22.65 -7.20
C TYR D 102 -11.92 23.18 -5.87
N VAL D 103 -10.90 22.57 -5.28
CA VAL D 103 -10.45 23.01 -3.99
C VAL D 103 -8.97 23.40 -4.03
N SER D 104 -8.13 22.51 -4.51
CA SER D 104 -6.68 22.74 -4.54
C SER D 104 -6.15 21.97 -5.74
N ASP D 105 -6.17 22.63 -6.91
CA ASP D 105 -5.99 21.90 -8.17
C ASP D 105 -4.54 21.65 -8.56
N TYR D 106 -3.67 22.55 -8.12
CA TYR D 106 -2.31 22.53 -8.65
C TYR D 106 -1.33 21.79 -7.75
N ALA D 107 -1.44 22.05 -6.43
CA ALA D 107 -0.52 21.42 -5.49
C ALA D 107 -1.23 21.21 -4.16
N MET D 108 -0.52 21.11 -3.03
CA MET D 108 -1.31 21.05 -1.78
C MET D 108 -1.32 22.40 -1.09
N ALA D 109 -2.37 23.20 -1.34
CA ALA D 109 -2.40 24.57 -0.82
C ALA D 109 -2.93 24.67 0.60
N TYR D 110 -3.60 23.62 1.06
CA TYR D 110 -4.21 23.62 2.39
C TYR D 110 -3.77 22.40 3.19
N TRP D 111 -3.36 22.62 4.42
CA TRP D 111 -2.90 21.53 5.27
C TRP D 111 -3.59 21.57 6.62
N GLY D 112 -3.83 20.38 7.19
CA GLY D 112 -4.20 20.28 8.60
C GLY D 112 -3.02 20.72 9.43
N GLN D 113 -3.26 20.96 10.74
CA GLN D 113 -2.15 21.50 11.55
C GLN D 113 -1.15 20.45 11.98
N GLY D 114 -1.48 19.17 11.70
CA GLY D 114 -0.64 18.03 12.09
C GLY D 114 -1.10 17.43 13.42
N THR D 115 -0.92 16.12 13.55
CA THR D 115 -1.22 15.34 14.75
C THR D 115 0.06 14.60 15.10
N SER D 116 0.60 14.92 16.28
CA SER D 116 1.77 14.26 16.80
C SER D 116 1.38 12.90 17.38
N VAL D 117 2.05 11.85 16.93
CA VAL D 117 1.93 10.53 17.55
C VAL D 117 3.27 10.16 18.16
N THR D 118 3.24 9.83 19.45
CA THR D 118 4.47 9.37 20.10
C THR D 118 4.24 7.96 20.65
N VAL D 119 5.13 7.10 20.19
CA VAL D 119 5.15 5.70 20.55
C VAL D 119 6.28 5.47 21.57
N SER D 120 5.88 5.24 22.80
CA SER D 120 6.83 5.11 23.90
C SER D 120 6.33 4.22 25.02
N SER D 121 7.20 3.40 25.61
CA SER D 121 6.71 2.57 26.71
C SER D 121 6.99 3.24 28.05
#